data_2IC4
# 
_entry.id   2IC4 
# 
_audit_conform.dict_name       mmcif_pdbx.dic 
_audit_conform.dict_version    5.387 
_audit_conform.dict_location   http://mmcif.pdb.org/dictionaries/ascii/mmcif_pdbx.dic 
# 
loop_
_database_2.database_id 
_database_2.database_code 
_database_2.pdbx_database_accession 
_database_2.pdbx_DOI 
PDB   2IC4         pdb_00002ic4 10.2210/pdb2ic4/pdb 
RCSB  RCSB039399   ?            ?                   
WWPDB D_1000039399 ?            ?                   
# 
loop_
_pdbx_audit_revision_history.ordinal 
_pdbx_audit_revision_history.data_content_type 
_pdbx_audit_revision_history.major_revision 
_pdbx_audit_revision_history.minor_revision 
_pdbx_audit_revision_history.revision_date 
1 'Structure model' 1 0 2007-04-10 
2 'Structure model' 1 1 2008-05-01 
3 'Structure model' 1 2 2011-07-13 
4 'Structure model' 1 3 2017-10-18 
5 'Structure model' 1 4 2024-02-21 
# 
_pdbx_audit_revision_details.ordinal             1 
_pdbx_audit_revision_details.revision_ordinal    1 
_pdbx_audit_revision_details.data_content_type   'Structure model' 
_pdbx_audit_revision_details.provider            repository 
_pdbx_audit_revision_details.type                'Initial release' 
_pdbx_audit_revision_details.description         ? 
_pdbx_audit_revision_details.details             ? 
# 
loop_
_pdbx_audit_revision_group.ordinal 
_pdbx_audit_revision_group.revision_ordinal 
_pdbx_audit_revision_group.data_content_type 
_pdbx_audit_revision_group.group 
1 2 'Structure model' 'Version format compliance' 
2 3 'Structure model' 'Version format compliance' 
3 4 'Structure model' 'Refinement description'    
4 5 'Structure model' 'Data collection'           
5 5 'Structure model' 'Database references'       
# 
loop_
_pdbx_audit_revision_category.ordinal 
_pdbx_audit_revision_category.revision_ordinal 
_pdbx_audit_revision_category.data_content_type 
_pdbx_audit_revision_category.category 
1 4 'Structure model' software           
2 5 'Structure model' chem_comp_atom     
3 5 'Structure model' chem_comp_bond     
4 5 'Structure model' database_2         
5 5 'Structure model' struct_ref_seq_dif 
# 
loop_
_pdbx_audit_revision_item.ordinal 
_pdbx_audit_revision_item.revision_ordinal 
_pdbx_audit_revision_item.data_content_type 
_pdbx_audit_revision_item.item 
1 5 'Structure model' '_database_2.pdbx_DOI'                
2 5 'Structure model' '_database_2.pdbx_database_accession' 
3 5 'Structure model' '_struct_ref_seq_dif.details'         
# 
_pdbx_database_status.status_code                     REL 
_pdbx_database_status.entry_id                        2IC4 
_pdbx_database_status.recvd_initial_deposition_date   2006-09-12 
_pdbx_database_status.deposit_site                    RCSB 
_pdbx_database_status.process_site                    RCSB 
_pdbx_database_status.status_code_sf                  ? 
_pdbx_database_status.status_code_mr                  ? 
_pdbx_database_status.SG_entry                        ? 
_pdbx_database_status.pdb_format_compatible           Y 
_pdbx_database_status.status_code_cs                  ? 
_pdbx_database_status.methods_development_category    ? 
_pdbx_database_status.status_code_nmr_data            ? 
# 
_pdbx_database_related.db_name        PDB 
_pdbx_database_related.db_id          1HAQ 
_pdbx_database_related.details        'Human Factor H' 
_pdbx_database_related.content_type   unspecified 
# 
loop_
_audit_author.name 
_audit_author.pdbx_ordinal 
'Fernando, A.N.' 1 
'Furtado, P.B.'  2 
'Gilbert, H.E.'  3 
'Clark, S.J.'    4 
'Day, A.J.'      5 
'Sim, R.B.'      6 
'Perkins, S.J.'  7 
# 
loop_
_citation.id 
_citation.title 
_citation.journal_abbrev 
_citation.journal_volume 
_citation.page_first 
_citation.page_last 
_citation.year 
_citation.journal_id_ASTM 
_citation.country 
_citation.journal_id_ISSN 
_citation.journal_id_CSD 
_citation.book_publisher 
_citation.pdbx_database_id_PubMed 
_citation.pdbx_database_id_DOI 
primary 
;Associative and Structural Properties of the Region of Complement Factor H Encompassing the Tyr402His Disease-related Polymorphism and its Interactions with Heparin.
;
J.Mol.Biol. 368 564  581  2007 JMOBAK UK 0022-2836 0070 ? 17362990 10.1016/j.jmb.2007.02.038 
1       
;Folded-back Solution Structure of Monomeric Factor 
H of Human Complement by Synchrotron X-ray and 
Neutron Scattering, Analytical Ultracentrifugation and 
Constrained Molecular Modelling
;
J.Mol.Biol. 309 1117 1138 2001 JMOBAK UK 0022-2836 0070 ? ?        ?                         
# 
loop_
_citation_author.citation_id 
_citation_author.name 
_citation_author.ordinal 
_citation_author.identifier_ORCID 
primary 'Fernando, A.N.' 1 ? 
primary 'Furtado, P.B.'  2 ? 
primary 'Clark, S.J.'    3 ? 
primary 'Gilbert, H.E.'  4 ? 
primary 'Day, A.J.'      5 ? 
primary 'Sim, R.B.'      6 ? 
primary 'Perkins, S.J.'  7 ? 
1       'Aslam, M.'      8 ? 
1       'Perkins, S.J.'  9 ? 
# 
_entity.id                         1 
_entity.type                       polymer 
_entity.src_method                 man 
_entity.pdbx_description           'Complement factor H' 
_entity.formula_weight             21141.785 
_entity.pdbx_number_of_molecules   1 
_entity.pdbx_ec                    ? 
_entity.pdbx_mutation              ? 
_entity.pdbx_fragment              'Factor H SCR6-SCR7-SCR8' 
_entity.details                    ? 
# 
_entity_name_com.entity_id   1 
_entity_name_com.name        'H factor 1' 
# 
_entity_poly.entity_id                      1 
_entity_poly.type                           'polypeptide(L)' 
_entity_poly.nstd_linkage                   no 
_entity_poly.nstd_monomer                   no 
_entity_poly.pdbx_seq_one_letter_code       
;GTLKPCDYPDIKHGGLYHENMRRPYFPVAVGKYYSYYCDEHFETPSGSYWDHIHCTQDGWSPAVPCLRKCYFPYLENGYN
QNYGRKFVQGKSIDVACHPGYALPKAQTTVTCMENGWSPTPRCIRVKTCSKSSIDIENGFISESQYTYALKEKAKYQCKL
GYVTADGETSGSITCGKDGWSAQPTCI
;
_entity_poly.pdbx_seq_one_letter_code_can   
;GTLKPCDYPDIKHGGLYHENMRRPYFPVAVGKYYSYYCDEHFETPSGSYWDHIHCTQDGWSPAVPCLRKCYFPYLENGYN
QNYGRKFVQGKSIDVACHPGYALPKAQTTVTCMENGWSPTPRCIRVKTCSKSSIDIENGFISESQYTYALKEKAKYQCKL
GYVTADGETSGSITCGKDGWSAQPTCI
;
_entity_poly.pdbx_strand_id                 A 
_entity_poly.pdbx_target_identifier         ? 
# 
loop_
_entity_poly_seq.entity_id 
_entity_poly_seq.num 
_entity_poly_seq.mon_id 
_entity_poly_seq.hetero 
1 1   GLY n 
1 2   THR n 
1 3   LEU n 
1 4   LYS n 
1 5   PRO n 
1 6   CYS n 
1 7   ASP n 
1 8   TYR n 
1 9   PRO n 
1 10  ASP n 
1 11  ILE n 
1 12  LYS n 
1 13  HIS n 
1 14  GLY n 
1 15  GLY n 
1 16  LEU n 
1 17  TYR n 
1 18  HIS n 
1 19  GLU n 
1 20  ASN n 
1 21  MET n 
1 22  ARG n 
1 23  ARG n 
1 24  PRO n 
1 25  TYR n 
1 26  PHE n 
1 27  PRO n 
1 28  VAL n 
1 29  ALA n 
1 30  VAL n 
1 31  GLY n 
1 32  LYS n 
1 33  TYR n 
1 34  TYR n 
1 35  SER n 
1 36  TYR n 
1 37  TYR n 
1 38  CYS n 
1 39  ASP n 
1 40  GLU n 
1 41  HIS n 
1 42  PHE n 
1 43  GLU n 
1 44  THR n 
1 45  PRO n 
1 46  SER n 
1 47  GLY n 
1 48  SER n 
1 49  TYR n 
1 50  TRP n 
1 51  ASP n 
1 52  HIS n 
1 53  ILE n 
1 54  HIS n 
1 55  CYS n 
1 56  THR n 
1 57  GLN n 
1 58  ASP n 
1 59  GLY n 
1 60  TRP n 
1 61  SER n 
1 62  PRO n 
1 63  ALA n 
1 64  VAL n 
1 65  PRO n 
1 66  CYS n 
1 67  LEU n 
1 68  ARG n 
1 69  LYS n 
1 70  CYS n 
1 71  TYR n 
1 72  PHE n 
1 73  PRO n 
1 74  TYR n 
1 75  LEU n 
1 76  GLU n 
1 77  ASN n 
1 78  GLY n 
1 79  TYR n 
1 80  ASN n 
1 81  GLN n 
1 82  ASN n 
1 83  TYR n 
1 84  GLY n 
1 85  ARG n 
1 86  LYS n 
1 87  PHE n 
1 88  VAL n 
1 89  GLN n 
1 90  GLY n 
1 91  LYS n 
1 92  SER n 
1 93  ILE n 
1 94  ASP n 
1 95  VAL n 
1 96  ALA n 
1 97  CYS n 
1 98  HIS n 
1 99  PRO n 
1 100 GLY n 
1 101 TYR n 
1 102 ALA n 
1 103 LEU n 
1 104 PRO n 
1 105 LYS n 
1 106 ALA n 
1 107 GLN n 
1 108 THR n 
1 109 THR n 
1 110 VAL n 
1 111 THR n 
1 112 CYS n 
1 113 MET n 
1 114 GLU n 
1 115 ASN n 
1 116 GLY n 
1 117 TRP n 
1 118 SER n 
1 119 PRO n 
1 120 THR n 
1 121 PRO n 
1 122 ARG n 
1 123 CYS n 
1 124 ILE n 
1 125 ARG n 
1 126 VAL n 
1 127 LYS n 
1 128 THR n 
1 129 CYS n 
1 130 SER n 
1 131 LYS n 
1 132 SER n 
1 133 SER n 
1 134 ILE n 
1 135 ASP n 
1 136 ILE n 
1 137 GLU n 
1 138 ASN n 
1 139 GLY n 
1 140 PHE n 
1 141 ILE n 
1 142 SER n 
1 143 GLU n 
1 144 SER n 
1 145 GLN n 
1 146 TYR n 
1 147 THR n 
1 148 TYR n 
1 149 ALA n 
1 150 LEU n 
1 151 LYS n 
1 152 GLU n 
1 153 LYS n 
1 154 ALA n 
1 155 LYS n 
1 156 TYR n 
1 157 GLN n 
1 158 CYS n 
1 159 LYS n 
1 160 LEU n 
1 161 GLY n 
1 162 TYR n 
1 163 VAL n 
1 164 THR n 
1 165 ALA n 
1 166 ASP n 
1 167 GLY n 
1 168 GLU n 
1 169 THR n 
1 170 SER n 
1 171 GLY n 
1 172 SER n 
1 173 ILE n 
1 174 THR n 
1 175 CYS n 
1 176 GLY n 
1 177 LYS n 
1 178 ASP n 
1 179 GLY n 
1 180 TRP n 
1 181 SER n 
1 182 ALA n 
1 183 GLN n 
1 184 PRO n 
1 185 THR n 
1 186 CYS n 
1 187 ILE n 
# 
_entity_src_gen.entity_id                          1 
_entity_src_gen.pdbx_src_id                        1 
_entity_src_gen.pdbx_alt_source_flag               sample 
_entity_src_gen.pdbx_seq_type                      ? 
_entity_src_gen.pdbx_beg_seq_num                   ? 
_entity_src_gen.pdbx_end_seq_num                   ? 
_entity_src_gen.gene_src_common_name               human 
_entity_src_gen.gene_src_genus                     Homo 
_entity_src_gen.pdbx_gene_src_gene                 'CFH, HF, HF1' 
_entity_src_gen.gene_src_species                   ? 
_entity_src_gen.gene_src_strain                    ? 
_entity_src_gen.gene_src_tissue                    ? 
_entity_src_gen.gene_src_tissue_fraction           ? 
_entity_src_gen.gene_src_details                   ? 
_entity_src_gen.pdbx_gene_src_fragment             ? 
_entity_src_gen.pdbx_gene_src_scientific_name      'Homo sapiens' 
_entity_src_gen.pdbx_gene_src_ncbi_taxonomy_id     9606 
_entity_src_gen.pdbx_gene_src_variant              ? 
_entity_src_gen.pdbx_gene_src_cell_line            ? 
_entity_src_gen.pdbx_gene_src_atcc                 ? 
_entity_src_gen.pdbx_gene_src_organ                ? 
_entity_src_gen.pdbx_gene_src_organelle            ? 
_entity_src_gen.pdbx_gene_src_cell                 ? 
_entity_src_gen.pdbx_gene_src_cellular_location    ? 
_entity_src_gen.host_org_common_name               ? 
_entity_src_gen.pdbx_host_org_scientific_name      'Escherichia coli BL21' 
_entity_src_gen.pdbx_host_org_ncbi_taxonomy_id     511693 
_entity_src_gen.host_org_genus                     Escherichia 
_entity_src_gen.pdbx_host_org_gene                 ? 
_entity_src_gen.pdbx_host_org_organ                ? 
_entity_src_gen.host_org_species                   'Escherichia coli' 
_entity_src_gen.pdbx_host_org_tissue               ? 
_entity_src_gen.pdbx_host_org_tissue_fraction      ? 
_entity_src_gen.pdbx_host_org_strain               BL21 
_entity_src_gen.pdbx_host_org_variant              ? 
_entity_src_gen.pdbx_host_org_cell_line            ? 
_entity_src_gen.pdbx_host_org_atcc                 ? 
_entity_src_gen.pdbx_host_org_culture_collection   ? 
_entity_src_gen.pdbx_host_org_cell                 ? 
_entity_src_gen.pdbx_host_org_organelle            ? 
_entity_src_gen.pdbx_host_org_cellular_location    ? 
_entity_src_gen.pdbx_host_org_vector_type          Plasmid 
_entity_src_gen.pdbx_host_org_vector               ? 
_entity_src_gen.host_org_details                   ? 
_entity_src_gen.expression_system_id               ? 
_entity_src_gen.plasmid_name                       pET14b 
_entity_src_gen.plasmid_details                    ? 
_entity_src_gen.pdbx_description                   ? 
# 
loop_
_chem_comp.id 
_chem_comp.type 
_chem_comp.mon_nstd_flag 
_chem_comp.name 
_chem_comp.pdbx_synonyms 
_chem_comp.formula 
_chem_comp.formula_weight 
ALA 'L-peptide linking' y ALANINE         ? 'C3 H7 N O2'     89.093  
ARG 'L-peptide linking' y ARGININE        ? 'C6 H15 N4 O2 1' 175.209 
ASN 'L-peptide linking' y ASPARAGINE      ? 'C4 H8 N2 O3'    132.118 
ASP 'L-peptide linking' y 'ASPARTIC ACID' ? 'C4 H7 N O4'     133.103 
CYS 'L-peptide linking' y CYSTEINE        ? 'C3 H7 N O2 S'   121.158 
GLN 'L-peptide linking' y GLUTAMINE       ? 'C5 H10 N2 O3'   146.144 
GLU 'L-peptide linking' y 'GLUTAMIC ACID' ? 'C5 H9 N O4'     147.129 
GLY 'peptide linking'   y GLYCINE         ? 'C2 H5 N O2'     75.067  
HIS 'L-peptide linking' y HISTIDINE       ? 'C6 H10 N3 O2 1' 156.162 
ILE 'L-peptide linking' y ISOLEUCINE      ? 'C6 H13 N O2'    131.173 
LEU 'L-peptide linking' y LEUCINE         ? 'C6 H13 N O2'    131.173 
LYS 'L-peptide linking' y LYSINE          ? 'C6 H15 N2 O2 1' 147.195 
MET 'L-peptide linking' y METHIONINE      ? 'C5 H11 N O2 S'  149.211 
PHE 'L-peptide linking' y PHENYLALANINE   ? 'C9 H11 N O2'    165.189 
PRO 'L-peptide linking' y PROLINE         ? 'C5 H9 N O2'     115.130 
SER 'L-peptide linking' y SERINE          ? 'C3 H7 N O3'     105.093 
THR 'L-peptide linking' y THREONINE       ? 'C4 H9 N O3'     119.119 
TRP 'L-peptide linking' y TRYPTOPHAN      ? 'C11 H12 N2 O2'  204.225 
TYR 'L-peptide linking' y TYROSINE        ? 'C9 H11 N O3'    181.189 
VAL 'L-peptide linking' y VALINE          ? 'C5 H11 N O2'    117.146 
# 
loop_
_pdbx_poly_seq_scheme.asym_id 
_pdbx_poly_seq_scheme.entity_id 
_pdbx_poly_seq_scheme.seq_id 
_pdbx_poly_seq_scheme.mon_id 
_pdbx_poly_seq_scheme.ndb_seq_num 
_pdbx_poly_seq_scheme.pdb_seq_num 
_pdbx_poly_seq_scheme.auth_seq_num 
_pdbx_poly_seq_scheme.pdb_mon_id 
_pdbx_poly_seq_scheme.auth_mon_id 
_pdbx_poly_seq_scheme.pdb_strand_id 
_pdbx_poly_seq_scheme.pdb_ins_code 
_pdbx_poly_seq_scheme.hetero 
A 1 1   GLY 1   320 320 GLY GLY A . n 
A 1 2   THR 2   321 321 THR THR A . n 
A 1 3   LEU 3   322 322 LEU LEU A . n 
A 1 4   LYS 4   323 323 LYS LYS A . n 
A 1 5   PRO 5   324 324 PRO PRO A . n 
A 1 6   CYS 6   325 325 CYS CYS A . n 
A 1 7   ASP 7   326 326 ASP ASP A . n 
A 1 8   TYR 8   327 327 TYR TYR A . n 
A 1 9   PRO 9   328 328 PRO PRO A . n 
A 1 10  ASP 10  329 329 ASP ASP A . n 
A 1 11  ILE 11  330 330 ILE ILE A . n 
A 1 12  LYS 12  331 331 LYS LYS A . n 
A 1 13  HIS 13  332 332 HIS HIS A . n 
A 1 14  GLY 14  333 333 GLY GLY A . n 
A 1 15  GLY 15  334 334 GLY GLY A . n 
A 1 16  LEU 16  335 335 LEU LEU A . n 
A 1 17  TYR 17  336 336 TYR TYR A . n 
A 1 18  HIS 18  337 337 HIS HIS A . n 
A 1 19  GLU 19  338 338 GLU GLU A . n 
A 1 20  ASN 20  339 339 ASN ASN A . n 
A 1 21  MET 21  340 340 MET MET A . n 
A 1 22  ARG 22  341 341 ARG ARG A . n 
A 1 23  ARG 23  342 342 ARG ARG A . n 
A 1 24  PRO 24  343 343 PRO PRO A . n 
A 1 25  TYR 25  344 344 TYR TYR A . n 
A 1 26  PHE 26  345 345 PHE PHE A . n 
A 1 27  PRO 27  346 346 PRO PRO A . n 
A 1 28  VAL 28  347 347 VAL VAL A . n 
A 1 29  ALA 29  348 348 ALA ALA A . n 
A 1 30  VAL 30  349 349 VAL VAL A . n 
A 1 31  GLY 31  350 350 GLY GLY A . n 
A 1 32  LYS 32  351 351 LYS LYS A . n 
A 1 33  TYR 33  352 352 TYR TYR A . n 
A 1 34  TYR 34  353 353 TYR TYR A . n 
A 1 35  SER 35  354 354 SER SER A . n 
A 1 36  TYR 36  355 355 TYR TYR A . n 
A 1 37  TYR 37  356 356 TYR TYR A . n 
A 1 38  CYS 38  357 357 CYS CYS A . n 
A 1 39  ASP 39  358 358 ASP ASP A . n 
A 1 40  GLU 40  359 359 GLU GLU A . n 
A 1 41  HIS 41  360 360 HIS HIS A . n 
A 1 42  PHE 42  361 361 PHE PHE A . n 
A 1 43  GLU 43  362 362 GLU GLU A . n 
A 1 44  THR 44  363 363 THR THR A . n 
A 1 45  PRO 45  364 364 PRO PRO A . n 
A 1 46  SER 46  365 365 SER SER A . n 
A 1 47  GLY 47  366 366 GLY GLY A . n 
A 1 48  SER 48  367 367 SER SER A . n 
A 1 49  TYR 49  368 368 TYR TYR A . n 
A 1 50  TRP 50  369 369 TRP TRP A . n 
A 1 51  ASP 51  370 370 ASP ASP A . n 
A 1 52  HIS 52  371 371 HIS HIS A . n 
A 1 53  ILE 53  372 372 ILE ILE A . n 
A 1 54  HIS 54  373 373 HIS HIS A . n 
A 1 55  CYS 55  374 374 CYS CYS A . n 
A 1 56  THR 56  375 375 THR THR A . n 
A 1 57  GLN 57  376 376 GLN GLN A . n 
A 1 58  ASP 58  377 377 ASP ASP A . n 
A 1 59  GLY 59  378 378 GLY GLY A . n 
A 1 60  TRP 60  379 379 TRP TRP A . n 
A 1 61  SER 61  380 380 SER SER A . n 
A 1 62  PRO 62  381 381 PRO PRO A . n 
A 1 63  ALA 63  382 382 ALA ALA A . n 
A 1 64  VAL 64  383 383 VAL VAL A . n 
A 1 65  PRO 65  384 384 PRO PRO A . n 
A 1 66  CYS 66  385 385 CYS CYS A . n 
A 1 67  LEU 67  386 386 LEU LEU A . n 
A 1 68  ARG 68  387 387 ARG ARG A . n 
A 1 69  LYS 69  388 388 LYS LYS A . n 
A 1 70  CYS 70  389 389 CYS CYS A . n 
A 1 71  TYR 71  390 390 TYR TYR A . n 
A 1 72  PHE 72  391 391 PHE PHE A . n 
A 1 73  PRO 73  392 392 PRO PRO A . n 
A 1 74  TYR 74  393 393 TYR TYR A . n 
A 1 75  LEU 75  394 394 LEU LEU A . n 
A 1 76  GLU 76  395 395 GLU GLU A . n 
A 1 77  ASN 77  396 396 ASN ASN A . n 
A 1 78  GLY 78  397 397 GLY GLY A . n 
A 1 79  TYR 79  398 398 TYR TYR A . n 
A 1 80  ASN 80  399 399 ASN ASN A . n 
A 1 81  GLN 81  400 400 GLN GLN A . n 
A 1 82  ASN 82  401 401 ASN ASN A . n 
A 1 83  TYR 83  402 402 TYR TYR A . n 
A 1 84  GLY 84  403 403 GLY GLY A . n 
A 1 85  ARG 85  404 404 ARG ARG A . n 
A 1 86  LYS 86  405 405 LYS LYS A . n 
A 1 87  PHE 87  406 406 PHE PHE A . n 
A 1 88  VAL 88  407 407 VAL VAL A . n 
A 1 89  GLN 89  408 408 GLN GLN A . n 
A 1 90  GLY 90  409 409 GLY GLY A . n 
A 1 91  LYS 91  410 410 LYS LYS A . n 
A 1 92  SER 92  411 411 SER SER A . n 
A 1 93  ILE 93  412 412 ILE ILE A . n 
A 1 94  ASP 94  413 413 ASP ASP A . n 
A 1 95  VAL 95  414 414 VAL VAL A . n 
A 1 96  ALA 96  415 415 ALA ALA A . n 
A 1 97  CYS 97  416 416 CYS CYS A . n 
A 1 98  HIS 98  417 417 HIS HIS A . n 
A 1 99  PRO 99  418 418 PRO PRO A . n 
A 1 100 GLY 100 419 419 GLY GLY A . n 
A 1 101 TYR 101 420 420 TYR TYR A . n 
A 1 102 ALA 102 421 421 ALA ALA A . n 
A 1 103 LEU 103 422 422 LEU LEU A . n 
A 1 104 PRO 104 423 423 PRO PRO A . n 
A 1 105 LYS 105 424 424 LYS LYS A . n 
A 1 106 ALA 106 425 425 ALA ALA A . n 
A 1 107 GLN 107 426 426 GLN GLN A . n 
A 1 108 THR 108 427 427 THR THR A . n 
A 1 109 THR 109 428 428 THR THR A . n 
A 1 110 VAL 110 429 429 VAL VAL A . n 
A 1 111 THR 111 430 430 THR THR A . n 
A 1 112 CYS 112 431 431 CYS CYS A . n 
A 1 113 MET 113 432 432 MET MET A . n 
A 1 114 GLU 114 433 433 GLU GLU A . n 
A 1 115 ASN 115 434 434 ASN ASN A . n 
A 1 116 GLY 116 435 435 GLY GLY A . n 
A 1 117 TRP 117 436 436 TRP TRP A . n 
A 1 118 SER 118 437 437 SER SER A . n 
A 1 119 PRO 119 438 438 PRO PRO A . n 
A 1 120 THR 120 439 439 THR THR A . n 
A 1 121 PRO 121 440 440 PRO PRO A . n 
A 1 122 ARG 122 441 441 ARG ARG A . n 
A 1 123 CYS 123 442 442 CYS CYS A . n 
A 1 124 ILE 124 443 443 ILE ILE A . n 
A 1 125 ARG 125 444 444 ARG ARG A . n 
A 1 126 VAL 126 445 445 VAL VAL A . n 
A 1 127 LYS 127 446 446 LYS LYS A . n 
A 1 128 THR 128 447 447 THR THR A . n 
A 1 129 CYS 129 448 448 CYS CYS A . n 
A 1 130 SER 130 449 449 SER SER A . n 
A 1 131 LYS 131 450 450 LYS LYS A . n 
A 1 132 SER 132 451 451 SER SER A . n 
A 1 133 SER 133 452 452 SER SER A . n 
A 1 134 ILE 134 453 453 ILE ILE A . n 
A 1 135 ASP 135 454 454 ASP ASP A . n 
A 1 136 ILE 136 455 455 ILE ILE A . n 
A 1 137 GLU 137 456 456 GLU GLU A . n 
A 1 138 ASN 138 457 457 ASN ASN A . n 
A 1 139 GLY 139 458 458 GLY GLY A . n 
A 1 140 PHE 140 459 459 PHE PHE A . n 
A 1 141 ILE 141 460 460 ILE ILE A . n 
A 1 142 SER 142 461 461 SER SER A . n 
A 1 143 GLU 143 462 462 GLU GLU A . n 
A 1 144 SER 144 463 463 SER SER A . n 
A 1 145 GLN 145 464 464 GLN GLN A . n 
A 1 146 TYR 146 465 465 TYR TYR A . n 
A 1 147 THR 147 466 466 THR THR A . n 
A 1 148 TYR 148 467 467 TYR TYR A . n 
A 1 149 ALA 149 468 468 ALA ALA A . n 
A 1 150 LEU 150 469 469 LEU LEU A . n 
A 1 151 LYS 151 470 470 LYS LYS A . n 
A 1 152 GLU 152 471 471 GLU GLU A . n 
A 1 153 LYS 153 472 472 LYS LYS A . n 
A 1 154 ALA 154 473 473 ALA ALA A . n 
A 1 155 LYS 155 474 474 LYS LYS A . n 
A 1 156 TYR 156 475 475 TYR TYR A . n 
A 1 157 GLN 157 476 476 GLN GLN A . n 
A 1 158 CYS 158 477 477 CYS CYS A . n 
A 1 159 LYS 159 478 478 LYS LYS A . n 
A 1 160 LEU 160 479 479 LEU LEU A . n 
A 1 161 GLY 161 480 480 GLY GLY A . n 
A 1 162 TYR 162 481 481 TYR TYR A . n 
A 1 163 VAL 163 482 482 VAL VAL A . n 
A 1 164 THR 164 483 483 THR THR A . n 
A 1 165 ALA 165 484 484 ALA ALA A . n 
A 1 166 ASP 166 485 485 ASP ASP A . n 
A 1 167 GLY 167 486 486 GLY GLY A . n 
A 1 168 GLU 168 487 487 GLU GLU A . n 
A 1 169 THR 169 488 488 THR THR A . n 
A 1 170 SER 170 489 489 SER SER A . n 
A 1 171 GLY 171 490 490 GLY GLY A . n 
A 1 172 SER 172 491 491 SER SER A . n 
A 1 173 ILE 173 492 492 ILE ILE A . n 
A 1 174 THR 174 493 493 THR THR A . n 
A 1 175 CYS 175 494 494 CYS CYS A . n 
A 1 176 GLY 176 495 495 GLY GLY A . n 
A 1 177 LYS 177 496 496 LYS LYS A . n 
A 1 178 ASP 178 497 497 ASP ASP A . n 
A 1 179 GLY 179 498 498 GLY GLY A . n 
A 1 180 TRP 180 499 499 TRP TRP A . n 
A 1 181 SER 181 500 500 SER SER A . n 
A 1 182 ALA 182 501 501 ALA ALA A . n 
A 1 183 GLN 183 502 502 GLN GLN A . n 
A 1 184 PRO 184 503 503 PRO PRO A . n 
A 1 185 THR 185 504 504 THR THR A . n 
A 1 186 CYS 186 505 505 CYS CYS A . n 
A 1 187 ILE 187 506 506 ILE ILE A . n 
# 
loop_
_software.name 
_software.classification 
_software.version 
_software.citation_id 
_software.pdbx_ordinal 
SCTPL7       'model building' .       ? 1 
GNOM         'model building' .       ? 2 
'Insight II' 'model building' 'II 98' ? 3 
SCTPL        phasing          'V. 7'  ? 4 
GNOM         phasing          .       ? 5 
# 
_cell.entry_id           2IC4 
_cell.length_a           1.000 
_cell.length_b           1.000 
_cell.length_c           1.000 
_cell.angle_alpha        90.00 
_cell.angle_beta         90.00 
_cell.angle_gamma        90.00 
_cell.Z_PDB              1 
_cell.pdbx_unique_axis   ? 
_cell.length_a_esd       ? 
_cell.length_b_esd       ? 
_cell.length_c_esd       ? 
_cell.angle_alpha_esd    ? 
_cell.angle_beta_esd     ? 
_cell.angle_gamma_esd    ? 
# 
_symmetry.entry_id                         2IC4 
_symmetry.space_group_name_H-M             'P 1' 
_symmetry.pdbx_full_space_group_name_H-M   ? 
_symmetry.cell_setting                     ? 
_symmetry.Int_Tables_number                1 
_symmetry.space_group_name_Hall            ? 
# 
_exptl.entry_id          2IC4 
_exptl.method            'SOLUTION SCATTERING' 
_exptl.crystals_number   ? 
# 
_exptl_crystal.id                    1 
_exptl_crystal.density_meas          ? 
_exptl_crystal.density_Matthews      ? 
_exptl_crystal.density_percent_sol   ? 
_exptl_crystal.description           ? 
_exptl_crystal.F_000                 ? 
_exptl_crystal.preparation           ? 
# 
_exptl_crystal_grow.crystal_id      1 
_exptl_crystal_grow.method          ? 
_exptl_crystal_grow.temp            288 
_exptl_crystal_grow.temp_details    ? 
_exptl_crystal_grow.pH              7.3 
_exptl_crystal_grow.pdbx_details    'SOLUTION, pH 7.3, temperature 288K' 
_exptl_crystal_grow.pdbx_pH_range   . 
# 
loop_
_diffrn.id 
_diffrn.ambient_temp 
_diffrn.ambient_temp_details 
_diffrn.crystal_id 
1 288 ? 1 
2 ?   ? 1 
# 
_diffrn_radiation.diffrn_id                        1 
_diffrn_radiation.wavelength_id                    1 
_diffrn_radiation.pdbx_monochromatic_or_laue_m_l   M 
_diffrn_radiation.monochromator                    ? 
_diffrn_radiation.pdbx_diffrn_protocol             'SINGLE WAVELENGTH' 
_diffrn_radiation.pdbx_scattering_type             x-ray 
# 
_diffrn_radiation_wavelength.id           1 
_diffrn_radiation_wavelength.wavelength   1.0 
_diffrn_radiation_wavelength.wt           1.0 
# 
_diffrn_source.diffrn_id                   1 
_diffrn_source.source                      SYNCHROTRON 
_diffrn_source.type                        'ESRF BEAMLINE ID09' 
_diffrn_source.pdbx_synchrotron_site       ESRF 
_diffrn_source.pdbx_synchrotron_beamline   ID09 
_diffrn_source.pdbx_wavelength             ? 
_diffrn_source.pdbx_wavelength_list        1.0 
# 
_refine_hist.pdbx_refine_id                   'SOLUTION SCATTERING' 
_refine_hist.cycle_id                         LAST 
_refine_hist.pdbx_number_atoms_protein        187 
_refine_hist.pdbx_number_atoms_nucleic_acid   0 
_refine_hist.pdbx_number_atoms_ligand         0 
_refine_hist.number_atoms_solvent             0 
_refine_hist.number_atoms_total               187 
_refine_hist.d_res_high                       . 
_refine_hist.d_res_low                        . 
# 
_struct.entry_id                  2IC4 
_struct.title                     'Solution structure of the His402 allotype of the Factor H SCR6-SCR7-SCR8 fragment' 
_struct.pdbx_model_details        ? 
_struct.pdbx_CASP_flag            N 
_struct.pdbx_model_type_details   'CA ATOMS ONLY' 
# 
_struct_keywords.entry_id        2IC4 
_struct_keywords.pdbx_keywords   'IMMUNE SYSTEM' 
_struct_keywords.text            'Factor H, X-ray scattering, homology modelling, ultracentrifugation, IMMUNE SYSTEM' 
# 
_struct_asym.id                            A 
_struct_asym.pdbx_blank_PDB_chainid_flag   N 
_struct_asym.pdbx_modified                 N 
_struct_asym.entity_id                     1 
_struct_asym.details                       ? 
# 
_struct_ref.id                         1 
_struct_ref.db_name                    UNP 
_struct_ref.db_code                    CFAH_HUMAN 
_struct_ref.pdbx_db_accession          P08603 
_struct_ref.entity_id                  1 
_struct_ref.pdbx_seq_one_letter_code   
;TLKPCDYPDIKHGGLYHENMRRPYFPVAVGKYYSYYCDEHFETPSGSYWDHIHCTQDGWSPAVPCLRKCYFPYLENGYNQ
NHGRKFVQGKSIDVACHPGYALPKAQTTVTCMENGWSPTPRCIRVKTCSKSSIDIENGFISESQYTYALKEKAKYQCKLG
YVTADGETSGSITCGKDGWSAQPTCI
;
_struct_ref.pdbx_align_begin           321 
_struct_ref.pdbx_db_isoform            ? 
# 
_struct_ref_seq.align_id                      1 
_struct_ref_seq.ref_id                        1 
_struct_ref_seq.pdbx_PDB_id_code              2IC4 
_struct_ref_seq.pdbx_strand_id                A 
_struct_ref_seq.seq_align_beg                 2 
_struct_ref_seq.pdbx_seq_align_beg_ins_code   ? 
_struct_ref_seq.seq_align_end                 187 
_struct_ref_seq.pdbx_seq_align_end_ins_code   ? 
_struct_ref_seq.pdbx_db_accession             P08603 
_struct_ref_seq.db_align_beg                  321 
_struct_ref_seq.pdbx_db_align_beg_ins_code    ? 
_struct_ref_seq.db_align_end                  506 
_struct_ref_seq.pdbx_db_align_end_ins_code    ? 
_struct_ref_seq.pdbx_auth_seq_align_beg       321 
_struct_ref_seq.pdbx_auth_seq_align_end       506 
# 
loop_
_struct_ref_seq_dif.align_id 
_struct_ref_seq_dif.pdbx_pdb_id_code 
_struct_ref_seq_dif.mon_id 
_struct_ref_seq_dif.pdbx_pdb_strand_id 
_struct_ref_seq_dif.seq_num 
_struct_ref_seq_dif.pdbx_pdb_ins_code 
_struct_ref_seq_dif.pdbx_seq_db_name 
_struct_ref_seq_dif.pdbx_seq_db_accession_code 
_struct_ref_seq_dif.db_mon_id 
_struct_ref_seq_dif.pdbx_seq_db_seq_num 
_struct_ref_seq_dif.details 
_struct_ref_seq_dif.pdbx_auth_seq_num 
_struct_ref_seq_dif.pdbx_ordinal 
1 2IC4 GLY A 1  ? UNP P08603 ?   ?   'cloning artifact' 320 1 
1 2IC4 TYR A 83 ? UNP P08603 HIS 402 microheterogeneity 402 2 
# 
_pdbx_struct_assembly.id                   1 
_pdbx_struct_assembly.details              author_defined_assembly 
_pdbx_struct_assembly.method_details       ? 
_pdbx_struct_assembly.oligomeric_details   monomeric 
_pdbx_struct_assembly.oligomeric_count     1 
# 
_pdbx_struct_assembly_gen.assembly_id       1 
_pdbx_struct_assembly_gen.oper_expression   1 
_pdbx_struct_assembly_gen.asym_id_list      A 
# 
_pdbx_struct_oper_list.id                   1 
_pdbx_struct_oper_list.type                 'identity operation' 
_pdbx_struct_oper_list.name                 1_555 
_pdbx_struct_oper_list.symmetry_operation   x,y,z 
_pdbx_struct_oper_list.matrix[1][1]         1.0000000000 
_pdbx_struct_oper_list.matrix[1][2]         0.0000000000 
_pdbx_struct_oper_list.matrix[1][3]         0.0000000000 
_pdbx_struct_oper_list.vector[1]            0.0000000000 
_pdbx_struct_oper_list.matrix[2][1]         0.0000000000 
_pdbx_struct_oper_list.matrix[2][2]         1.0000000000 
_pdbx_struct_oper_list.matrix[2][3]         0.0000000000 
_pdbx_struct_oper_list.vector[2]            0.0000000000 
_pdbx_struct_oper_list.matrix[3][1]         0.0000000000 
_pdbx_struct_oper_list.matrix[3][2]         0.0000000000 
_pdbx_struct_oper_list.matrix[3][3]         1.0000000000 
_pdbx_struct_oper_list.vector[3]            0.0000000000 
# 
_struct_biol.id        1 
_struct_biol.details   ? 
# 
_pdbx_validate_close_contact.id               1 
_pdbx_validate_close_contact.PDB_model_num    1 
_pdbx_validate_close_contact.auth_atom_id_1   CA 
_pdbx_validate_close_contact.auth_asym_id_1   A 
_pdbx_validate_close_contact.auth_comp_id_1   PRO 
_pdbx_validate_close_contact.auth_seq_id_1    324 
_pdbx_validate_close_contact.PDB_ins_code_1   ? 
_pdbx_validate_close_contact.label_alt_id_1   ? 
_pdbx_validate_close_contact.auth_atom_id_2   CA 
_pdbx_validate_close_contact.auth_asym_id_2   A 
_pdbx_validate_close_contact.auth_comp_id_2   VAL 
_pdbx_validate_close_contact.auth_seq_id_2    347 
_pdbx_validate_close_contact.PDB_ins_code_2   ? 
_pdbx_validate_close_contact.label_alt_id_2   ? 
_pdbx_validate_close_contact.dist             1.42 
# 
loop_
_chem_comp_atom.comp_id 
_chem_comp_atom.atom_id 
_chem_comp_atom.type_symbol 
_chem_comp_atom.pdbx_aromatic_flag 
_chem_comp_atom.pdbx_stereo_config 
_chem_comp_atom.pdbx_ordinal 
ALA N    N N N 1   
ALA CA   C N S 2   
ALA C    C N N 3   
ALA O    O N N 4   
ALA CB   C N N 5   
ALA OXT  O N N 6   
ALA H    H N N 7   
ALA H2   H N N 8   
ALA HA   H N N 9   
ALA HB1  H N N 10  
ALA HB2  H N N 11  
ALA HB3  H N N 12  
ALA HXT  H N N 13  
ARG N    N N N 14  
ARG CA   C N S 15  
ARG C    C N N 16  
ARG O    O N N 17  
ARG CB   C N N 18  
ARG CG   C N N 19  
ARG CD   C N N 20  
ARG NE   N N N 21  
ARG CZ   C N N 22  
ARG NH1  N N N 23  
ARG NH2  N N N 24  
ARG OXT  O N N 25  
ARG H    H N N 26  
ARG H2   H N N 27  
ARG HA   H N N 28  
ARG HB2  H N N 29  
ARG HB3  H N N 30  
ARG HG2  H N N 31  
ARG HG3  H N N 32  
ARG HD2  H N N 33  
ARG HD3  H N N 34  
ARG HE   H N N 35  
ARG HH11 H N N 36  
ARG HH12 H N N 37  
ARG HH21 H N N 38  
ARG HH22 H N N 39  
ARG HXT  H N N 40  
ASN N    N N N 41  
ASN CA   C N S 42  
ASN C    C N N 43  
ASN O    O N N 44  
ASN CB   C N N 45  
ASN CG   C N N 46  
ASN OD1  O N N 47  
ASN ND2  N N N 48  
ASN OXT  O N N 49  
ASN H    H N N 50  
ASN H2   H N N 51  
ASN HA   H N N 52  
ASN HB2  H N N 53  
ASN HB3  H N N 54  
ASN HD21 H N N 55  
ASN HD22 H N N 56  
ASN HXT  H N N 57  
ASP N    N N N 58  
ASP CA   C N S 59  
ASP C    C N N 60  
ASP O    O N N 61  
ASP CB   C N N 62  
ASP CG   C N N 63  
ASP OD1  O N N 64  
ASP OD2  O N N 65  
ASP OXT  O N N 66  
ASP H    H N N 67  
ASP H2   H N N 68  
ASP HA   H N N 69  
ASP HB2  H N N 70  
ASP HB3  H N N 71  
ASP HD2  H N N 72  
ASP HXT  H N N 73  
CYS N    N N N 74  
CYS CA   C N R 75  
CYS C    C N N 76  
CYS O    O N N 77  
CYS CB   C N N 78  
CYS SG   S N N 79  
CYS OXT  O N N 80  
CYS H    H N N 81  
CYS H2   H N N 82  
CYS HA   H N N 83  
CYS HB2  H N N 84  
CYS HB3  H N N 85  
CYS HG   H N N 86  
CYS HXT  H N N 87  
GLN N    N N N 88  
GLN CA   C N S 89  
GLN C    C N N 90  
GLN O    O N N 91  
GLN CB   C N N 92  
GLN CG   C N N 93  
GLN CD   C N N 94  
GLN OE1  O N N 95  
GLN NE2  N N N 96  
GLN OXT  O N N 97  
GLN H    H N N 98  
GLN H2   H N N 99  
GLN HA   H N N 100 
GLN HB2  H N N 101 
GLN HB3  H N N 102 
GLN HG2  H N N 103 
GLN HG3  H N N 104 
GLN HE21 H N N 105 
GLN HE22 H N N 106 
GLN HXT  H N N 107 
GLU N    N N N 108 
GLU CA   C N S 109 
GLU C    C N N 110 
GLU O    O N N 111 
GLU CB   C N N 112 
GLU CG   C N N 113 
GLU CD   C N N 114 
GLU OE1  O N N 115 
GLU OE2  O N N 116 
GLU OXT  O N N 117 
GLU H    H N N 118 
GLU H2   H N N 119 
GLU HA   H N N 120 
GLU HB2  H N N 121 
GLU HB3  H N N 122 
GLU HG2  H N N 123 
GLU HG3  H N N 124 
GLU HE2  H N N 125 
GLU HXT  H N N 126 
GLY N    N N N 127 
GLY CA   C N N 128 
GLY C    C N N 129 
GLY O    O N N 130 
GLY OXT  O N N 131 
GLY H    H N N 132 
GLY H2   H N N 133 
GLY HA2  H N N 134 
GLY HA3  H N N 135 
GLY HXT  H N N 136 
HIS N    N N N 137 
HIS CA   C N S 138 
HIS C    C N N 139 
HIS O    O N N 140 
HIS CB   C N N 141 
HIS CG   C Y N 142 
HIS ND1  N Y N 143 
HIS CD2  C Y N 144 
HIS CE1  C Y N 145 
HIS NE2  N Y N 146 
HIS OXT  O N N 147 
HIS H    H N N 148 
HIS H2   H N N 149 
HIS HA   H N N 150 
HIS HB2  H N N 151 
HIS HB3  H N N 152 
HIS HD1  H N N 153 
HIS HD2  H N N 154 
HIS HE1  H N N 155 
HIS HE2  H N N 156 
HIS HXT  H N N 157 
ILE N    N N N 158 
ILE CA   C N S 159 
ILE C    C N N 160 
ILE O    O N N 161 
ILE CB   C N S 162 
ILE CG1  C N N 163 
ILE CG2  C N N 164 
ILE CD1  C N N 165 
ILE OXT  O N N 166 
ILE H    H N N 167 
ILE H2   H N N 168 
ILE HA   H N N 169 
ILE HB   H N N 170 
ILE HG12 H N N 171 
ILE HG13 H N N 172 
ILE HG21 H N N 173 
ILE HG22 H N N 174 
ILE HG23 H N N 175 
ILE HD11 H N N 176 
ILE HD12 H N N 177 
ILE HD13 H N N 178 
ILE HXT  H N N 179 
LEU N    N N N 180 
LEU CA   C N S 181 
LEU C    C N N 182 
LEU O    O N N 183 
LEU CB   C N N 184 
LEU CG   C N N 185 
LEU CD1  C N N 186 
LEU CD2  C N N 187 
LEU OXT  O N N 188 
LEU H    H N N 189 
LEU H2   H N N 190 
LEU HA   H N N 191 
LEU HB2  H N N 192 
LEU HB3  H N N 193 
LEU HG   H N N 194 
LEU HD11 H N N 195 
LEU HD12 H N N 196 
LEU HD13 H N N 197 
LEU HD21 H N N 198 
LEU HD22 H N N 199 
LEU HD23 H N N 200 
LEU HXT  H N N 201 
LYS N    N N N 202 
LYS CA   C N S 203 
LYS C    C N N 204 
LYS O    O N N 205 
LYS CB   C N N 206 
LYS CG   C N N 207 
LYS CD   C N N 208 
LYS CE   C N N 209 
LYS NZ   N N N 210 
LYS OXT  O N N 211 
LYS H    H N N 212 
LYS H2   H N N 213 
LYS HA   H N N 214 
LYS HB2  H N N 215 
LYS HB3  H N N 216 
LYS HG2  H N N 217 
LYS HG3  H N N 218 
LYS HD2  H N N 219 
LYS HD3  H N N 220 
LYS HE2  H N N 221 
LYS HE3  H N N 222 
LYS HZ1  H N N 223 
LYS HZ2  H N N 224 
LYS HZ3  H N N 225 
LYS HXT  H N N 226 
MET N    N N N 227 
MET CA   C N S 228 
MET C    C N N 229 
MET O    O N N 230 
MET CB   C N N 231 
MET CG   C N N 232 
MET SD   S N N 233 
MET CE   C N N 234 
MET OXT  O N N 235 
MET H    H N N 236 
MET H2   H N N 237 
MET HA   H N N 238 
MET HB2  H N N 239 
MET HB3  H N N 240 
MET HG2  H N N 241 
MET HG3  H N N 242 
MET HE1  H N N 243 
MET HE2  H N N 244 
MET HE3  H N N 245 
MET HXT  H N N 246 
PHE N    N N N 247 
PHE CA   C N S 248 
PHE C    C N N 249 
PHE O    O N N 250 
PHE CB   C N N 251 
PHE CG   C Y N 252 
PHE CD1  C Y N 253 
PHE CD2  C Y N 254 
PHE CE1  C Y N 255 
PHE CE2  C Y N 256 
PHE CZ   C Y N 257 
PHE OXT  O N N 258 
PHE H    H N N 259 
PHE H2   H N N 260 
PHE HA   H N N 261 
PHE HB2  H N N 262 
PHE HB3  H N N 263 
PHE HD1  H N N 264 
PHE HD2  H N N 265 
PHE HE1  H N N 266 
PHE HE2  H N N 267 
PHE HZ   H N N 268 
PHE HXT  H N N 269 
PRO N    N N N 270 
PRO CA   C N S 271 
PRO C    C N N 272 
PRO O    O N N 273 
PRO CB   C N N 274 
PRO CG   C N N 275 
PRO CD   C N N 276 
PRO OXT  O N N 277 
PRO H    H N N 278 
PRO HA   H N N 279 
PRO HB2  H N N 280 
PRO HB3  H N N 281 
PRO HG2  H N N 282 
PRO HG3  H N N 283 
PRO HD2  H N N 284 
PRO HD3  H N N 285 
PRO HXT  H N N 286 
SER N    N N N 287 
SER CA   C N S 288 
SER C    C N N 289 
SER O    O N N 290 
SER CB   C N N 291 
SER OG   O N N 292 
SER OXT  O N N 293 
SER H    H N N 294 
SER H2   H N N 295 
SER HA   H N N 296 
SER HB2  H N N 297 
SER HB3  H N N 298 
SER HG   H N N 299 
SER HXT  H N N 300 
THR N    N N N 301 
THR CA   C N S 302 
THR C    C N N 303 
THR O    O N N 304 
THR CB   C N R 305 
THR OG1  O N N 306 
THR CG2  C N N 307 
THR OXT  O N N 308 
THR H    H N N 309 
THR H2   H N N 310 
THR HA   H N N 311 
THR HB   H N N 312 
THR HG1  H N N 313 
THR HG21 H N N 314 
THR HG22 H N N 315 
THR HG23 H N N 316 
THR HXT  H N N 317 
TRP N    N N N 318 
TRP CA   C N S 319 
TRP C    C N N 320 
TRP O    O N N 321 
TRP CB   C N N 322 
TRP CG   C Y N 323 
TRP CD1  C Y N 324 
TRP CD2  C Y N 325 
TRP NE1  N Y N 326 
TRP CE2  C Y N 327 
TRP CE3  C Y N 328 
TRP CZ2  C Y N 329 
TRP CZ3  C Y N 330 
TRP CH2  C Y N 331 
TRP OXT  O N N 332 
TRP H    H N N 333 
TRP H2   H N N 334 
TRP HA   H N N 335 
TRP HB2  H N N 336 
TRP HB3  H N N 337 
TRP HD1  H N N 338 
TRP HE1  H N N 339 
TRP HE3  H N N 340 
TRP HZ2  H N N 341 
TRP HZ3  H N N 342 
TRP HH2  H N N 343 
TRP HXT  H N N 344 
TYR N    N N N 345 
TYR CA   C N S 346 
TYR C    C N N 347 
TYR O    O N N 348 
TYR CB   C N N 349 
TYR CG   C Y N 350 
TYR CD1  C Y N 351 
TYR CD2  C Y N 352 
TYR CE1  C Y N 353 
TYR CE2  C Y N 354 
TYR CZ   C Y N 355 
TYR OH   O N N 356 
TYR OXT  O N N 357 
TYR H    H N N 358 
TYR H2   H N N 359 
TYR HA   H N N 360 
TYR HB2  H N N 361 
TYR HB3  H N N 362 
TYR HD1  H N N 363 
TYR HD2  H N N 364 
TYR HE1  H N N 365 
TYR HE2  H N N 366 
TYR HH   H N N 367 
TYR HXT  H N N 368 
VAL N    N N N 369 
VAL CA   C N S 370 
VAL C    C N N 371 
VAL O    O N N 372 
VAL CB   C N N 373 
VAL CG1  C N N 374 
VAL CG2  C N N 375 
VAL OXT  O N N 376 
VAL H    H N N 377 
VAL H2   H N N 378 
VAL HA   H N N 379 
VAL HB   H N N 380 
VAL HG11 H N N 381 
VAL HG12 H N N 382 
VAL HG13 H N N 383 
VAL HG21 H N N 384 
VAL HG22 H N N 385 
VAL HG23 H N N 386 
VAL HXT  H N N 387 
# 
loop_
_chem_comp_bond.comp_id 
_chem_comp_bond.atom_id_1 
_chem_comp_bond.atom_id_2 
_chem_comp_bond.value_order 
_chem_comp_bond.pdbx_aromatic_flag 
_chem_comp_bond.pdbx_stereo_config 
_chem_comp_bond.pdbx_ordinal 
ALA N   CA   sing N N 1   
ALA N   H    sing N N 2   
ALA N   H2   sing N N 3   
ALA CA  C    sing N N 4   
ALA CA  CB   sing N N 5   
ALA CA  HA   sing N N 6   
ALA C   O    doub N N 7   
ALA C   OXT  sing N N 8   
ALA CB  HB1  sing N N 9   
ALA CB  HB2  sing N N 10  
ALA CB  HB3  sing N N 11  
ALA OXT HXT  sing N N 12  
ARG N   CA   sing N N 13  
ARG N   H    sing N N 14  
ARG N   H2   sing N N 15  
ARG CA  C    sing N N 16  
ARG CA  CB   sing N N 17  
ARG CA  HA   sing N N 18  
ARG C   O    doub N N 19  
ARG C   OXT  sing N N 20  
ARG CB  CG   sing N N 21  
ARG CB  HB2  sing N N 22  
ARG CB  HB3  sing N N 23  
ARG CG  CD   sing N N 24  
ARG CG  HG2  sing N N 25  
ARG CG  HG3  sing N N 26  
ARG CD  NE   sing N N 27  
ARG CD  HD2  sing N N 28  
ARG CD  HD3  sing N N 29  
ARG NE  CZ   sing N N 30  
ARG NE  HE   sing N N 31  
ARG CZ  NH1  sing N N 32  
ARG CZ  NH2  doub N N 33  
ARG NH1 HH11 sing N N 34  
ARG NH1 HH12 sing N N 35  
ARG NH2 HH21 sing N N 36  
ARG NH2 HH22 sing N N 37  
ARG OXT HXT  sing N N 38  
ASN N   CA   sing N N 39  
ASN N   H    sing N N 40  
ASN N   H2   sing N N 41  
ASN CA  C    sing N N 42  
ASN CA  CB   sing N N 43  
ASN CA  HA   sing N N 44  
ASN C   O    doub N N 45  
ASN C   OXT  sing N N 46  
ASN CB  CG   sing N N 47  
ASN CB  HB2  sing N N 48  
ASN CB  HB3  sing N N 49  
ASN CG  OD1  doub N N 50  
ASN CG  ND2  sing N N 51  
ASN ND2 HD21 sing N N 52  
ASN ND2 HD22 sing N N 53  
ASN OXT HXT  sing N N 54  
ASP N   CA   sing N N 55  
ASP N   H    sing N N 56  
ASP N   H2   sing N N 57  
ASP CA  C    sing N N 58  
ASP CA  CB   sing N N 59  
ASP CA  HA   sing N N 60  
ASP C   O    doub N N 61  
ASP C   OXT  sing N N 62  
ASP CB  CG   sing N N 63  
ASP CB  HB2  sing N N 64  
ASP CB  HB3  sing N N 65  
ASP CG  OD1  doub N N 66  
ASP CG  OD2  sing N N 67  
ASP OD2 HD2  sing N N 68  
ASP OXT HXT  sing N N 69  
CYS N   CA   sing N N 70  
CYS N   H    sing N N 71  
CYS N   H2   sing N N 72  
CYS CA  C    sing N N 73  
CYS CA  CB   sing N N 74  
CYS CA  HA   sing N N 75  
CYS C   O    doub N N 76  
CYS C   OXT  sing N N 77  
CYS CB  SG   sing N N 78  
CYS CB  HB2  sing N N 79  
CYS CB  HB3  sing N N 80  
CYS SG  HG   sing N N 81  
CYS OXT HXT  sing N N 82  
GLN N   CA   sing N N 83  
GLN N   H    sing N N 84  
GLN N   H2   sing N N 85  
GLN CA  C    sing N N 86  
GLN CA  CB   sing N N 87  
GLN CA  HA   sing N N 88  
GLN C   O    doub N N 89  
GLN C   OXT  sing N N 90  
GLN CB  CG   sing N N 91  
GLN CB  HB2  sing N N 92  
GLN CB  HB3  sing N N 93  
GLN CG  CD   sing N N 94  
GLN CG  HG2  sing N N 95  
GLN CG  HG3  sing N N 96  
GLN CD  OE1  doub N N 97  
GLN CD  NE2  sing N N 98  
GLN NE2 HE21 sing N N 99  
GLN NE2 HE22 sing N N 100 
GLN OXT HXT  sing N N 101 
GLU N   CA   sing N N 102 
GLU N   H    sing N N 103 
GLU N   H2   sing N N 104 
GLU CA  C    sing N N 105 
GLU CA  CB   sing N N 106 
GLU CA  HA   sing N N 107 
GLU C   O    doub N N 108 
GLU C   OXT  sing N N 109 
GLU CB  CG   sing N N 110 
GLU CB  HB2  sing N N 111 
GLU CB  HB3  sing N N 112 
GLU CG  CD   sing N N 113 
GLU CG  HG2  sing N N 114 
GLU CG  HG3  sing N N 115 
GLU CD  OE1  doub N N 116 
GLU CD  OE2  sing N N 117 
GLU OE2 HE2  sing N N 118 
GLU OXT HXT  sing N N 119 
GLY N   CA   sing N N 120 
GLY N   H    sing N N 121 
GLY N   H2   sing N N 122 
GLY CA  C    sing N N 123 
GLY CA  HA2  sing N N 124 
GLY CA  HA3  sing N N 125 
GLY C   O    doub N N 126 
GLY C   OXT  sing N N 127 
GLY OXT HXT  sing N N 128 
HIS N   CA   sing N N 129 
HIS N   H    sing N N 130 
HIS N   H2   sing N N 131 
HIS CA  C    sing N N 132 
HIS CA  CB   sing N N 133 
HIS CA  HA   sing N N 134 
HIS C   O    doub N N 135 
HIS C   OXT  sing N N 136 
HIS CB  CG   sing N N 137 
HIS CB  HB2  sing N N 138 
HIS CB  HB3  sing N N 139 
HIS CG  ND1  sing Y N 140 
HIS CG  CD2  doub Y N 141 
HIS ND1 CE1  doub Y N 142 
HIS ND1 HD1  sing N N 143 
HIS CD2 NE2  sing Y N 144 
HIS CD2 HD2  sing N N 145 
HIS CE1 NE2  sing Y N 146 
HIS CE1 HE1  sing N N 147 
HIS NE2 HE2  sing N N 148 
HIS OXT HXT  sing N N 149 
ILE N   CA   sing N N 150 
ILE N   H    sing N N 151 
ILE N   H2   sing N N 152 
ILE CA  C    sing N N 153 
ILE CA  CB   sing N N 154 
ILE CA  HA   sing N N 155 
ILE C   O    doub N N 156 
ILE C   OXT  sing N N 157 
ILE CB  CG1  sing N N 158 
ILE CB  CG2  sing N N 159 
ILE CB  HB   sing N N 160 
ILE CG1 CD1  sing N N 161 
ILE CG1 HG12 sing N N 162 
ILE CG1 HG13 sing N N 163 
ILE CG2 HG21 sing N N 164 
ILE CG2 HG22 sing N N 165 
ILE CG2 HG23 sing N N 166 
ILE CD1 HD11 sing N N 167 
ILE CD1 HD12 sing N N 168 
ILE CD1 HD13 sing N N 169 
ILE OXT HXT  sing N N 170 
LEU N   CA   sing N N 171 
LEU N   H    sing N N 172 
LEU N   H2   sing N N 173 
LEU CA  C    sing N N 174 
LEU CA  CB   sing N N 175 
LEU CA  HA   sing N N 176 
LEU C   O    doub N N 177 
LEU C   OXT  sing N N 178 
LEU CB  CG   sing N N 179 
LEU CB  HB2  sing N N 180 
LEU CB  HB3  sing N N 181 
LEU CG  CD1  sing N N 182 
LEU CG  CD2  sing N N 183 
LEU CG  HG   sing N N 184 
LEU CD1 HD11 sing N N 185 
LEU CD1 HD12 sing N N 186 
LEU CD1 HD13 sing N N 187 
LEU CD2 HD21 sing N N 188 
LEU CD2 HD22 sing N N 189 
LEU CD2 HD23 sing N N 190 
LEU OXT HXT  sing N N 191 
LYS N   CA   sing N N 192 
LYS N   H    sing N N 193 
LYS N   H2   sing N N 194 
LYS CA  C    sing N N 195 
LYS CA  CB   sing N N 196 
LYS CA  HA   sing N N 197 
LYS C   O    doub N N 198 
LYS C   OXT  sing N N 199 
LYS CB  CG   sing N N 200 
LYS CB  HB2  sing N N 201 
LYS CB  HB3  sing N N 202 
LYS CG  CD   sing N N 203 
LYS CG  HG2  sing N N 204 
LYS CG  HG3  sing N N 205 
LYS CD  CE   sing N N 206 
LYS CD  HD2  sing N N 207 
LYS CD  HD3  sing N N 208 
LYS CE  NZ   sing N N 209 
LYS CE  HE2  sing N N 210 
LYS CE  HE3  sing N N 211 
LYS NZ  HZ1  sing N N 212 
LYS NZ  HZ2  sing N N 213 
LYS NZ  HZ3  sing N N 214 
LYS OXT HXT  sing N N 215 
MET N   CA   sing N N 216 
MET N   H    sing N N 217 
MET N   H2   sing N N 218 
MET CA  C    sing N N 219 
MET CA  CB   sing N N 220 
MET CA  HA   sing N N 221 
MET C   O    doub N N 222 
MET C   OXT  sing N N 223 
MET CB  CG   sing N N 224 
MET CB  HB2  sing N N 225 
MET CB  HB3  sing N N 226 
MET CG  SD   sing N N 227 
MET CG  HG2  sing N N 228 
MET CG  HG3  sing N N 229 
MET SD  CE   sing N N 230 
MET CE  HE1  sing N N 231 
MET CE  HE2  sing N N 232 
MET CE  HE3  sing N N 233 
MET OXT HXT  sing N N 234 
PHE N   CA   sing N N 235 
PHE N   H    sing N N 236 
PHE N   H2   sing N N 237 
PHE CA  C    sing N N 238 
PHE CA  CB   sing N N 239 
PHE CA  HA   sing N N 240 
PHE C   O    doub N N 241 
PHE C   OXT  sing N N 242 
PHE CB  CG   sing N N 243 
PHE CB  HB2  sing N N 244 
PHE CB  HB3  sing N N 245 
PHE CG  CD1  doub Y N 246 
PHE CG  CD2  sing Y N 247 
PHE CD1 CE1  sing Y N 248 
PHE CD1 HD1  sing N N 249 
PHE CD2 CE2  doub Y N 250 
PHE CD2 HD2  sing N N 251 
PHE CE1 CZ   doub Y N 252 
PHE CE1 HE1  sing N N 253 
PHE CE2 CZ   sing Y N 254 
PHE CE2 HE2  sing N N 255 
PHE CZ  HZ   sing N N 256 
PHE OXT HXT  sing N N 257 
PRO N   CA   sing N N 258 
PRO N   CD   sing N N 259 
PRO N   H    sing N N 260 
PRO CA  C    sing N N 261 
PRO CA  CB   sing N N 262 
PRO CA  HA   sing N N 263 
PRO C   O    doub N N 264 
PRO C   OXT  sing N N 265 
PRO CB  CG   sing N N 266 
PRO CB  HB2  sing N N 267 
PRO CB  HB3  sing N N 268 
PRO CG  CD   sing N N 269 
PRO CG  HG2  sing N N 270 
PRO CG  HG3  sing N N 271 
PRO CD  HD2  sing N N 272 
PRO CD  HD3  sing N N 273 
PRO OXT HXT  sing N N 274 
SER N   CA   sing N N 275 
SER N   H    sing N N 276 
SER N   H2   sing N N 277 
SER CA  C    sing N N 278 
SER CA  CB   sing N N 279 
SER CA  HA   sing N N 280 
SER C   O    doub N N 281 
SER C   OXT  sing N N 282 
SER CB  OG   sing N N 283 
SER CB  HB2  sing N N 284 
SER CB  HB3  sing N N 285 
SER OG  HG   sing N N 286 
SER OXT HXT  sing N N 287 
THR N   CA   sing N N 288 
THR N   H    sing N N 289 
THR N   H2   sing N N 290 
THR CA  C    sing N N 291 
THR CA  CB   sing N N 292 
THR CA  HA   sing N N 293 
THR C   O    doub N N 294 
THR C   OXT  sing N N 295 
THR CB  OG1  sing N N 296 
THR CB  CG2  sing N N 297 
THR CB  HB   sing N N 298 
THR OG1 HG1  sing N N 299 
THR CG2 HG21 sing N N 300 
THR CG2 HG22 sing N N 301 
THR CG2 HG23 sing N N 302 
THR OXT HXT  sing N N 303 
TRP N   CA   sing N N 304 
TRP N   H    sing N N 305 
TRP N   H2   sing N N 306 
TRP CA  C    sing N N 307 
TRP CA  CB   sing N N 308 
TRP CA  HA   sing N N 309 
TRP C   O    doub N N 310 
TRP C   OXT  sing N N 311 
TRP CB  CG   sing N N 312 
TRP CB  HB2  sing N N 313 
TRP CB  HB3  sing N N 314 
TRP CG  CD1  doub Y N 315 
TRP CG  CD2  sing Y N 316 
TRP CD1 NE1  sing Y N 317 
TRP CD1 HD1  sing N N 318 
TRP CD2 CE2  doub Y N 319 
TRP CD2 CE3  sing Y N 320 
TRP NE1 CE2  sing Y N 321 
TRP NE1 HE1  sing N N 322 
TRP CE2 CZ2  sing Y N 323 
TRP CE3 CZ3  doub Y N 324 
TRP CE3 HE3  sing N N 325 
TRP CZ2 CH2  doub Y N 326 
TRP CZ2 HZ2  sing N N 327 
TRP CZ3 CH2  sing Y N 328 
TRP CZ3 HZ3  sing N N 329 
TRP CH2 HH2  sing N N 330 
TRP OXT HXT  sing N N 331 
TYR N   CA   sing N N 332 
TYR N   H    sing N N 333 
TYR N   H2   sing N N 334 
TYR CA  C    sing N N 335 
TYR CA  CB   sing N N 336 
TYR CA  HA   sing N N 337 
TYR C   O    doub N N 338 
TYR C   OXT  sing N N 339 
TYR CB  CG   sing N N 340 
TYR CB  HB2  sing N N 341 
TYR CB  HB3  sing N N 342 
TYR CG  CD1  doub Y N 343 
TYR CG  CD2  sing Y N 344 
TYR CD1 CE1  sing Y N 345 
TYR CD1 HD1  sing N N 346 
TYR CD2 CE2  doub Y N 347 
TYR CD2 HD2  sing N N 348 
TYR CE1 CZ   doub Y N 349 
TYR CE1 HE1  sing N N 350 
TYR CE2 CZ   sing Y N 351 
TYR CE2 HE2  sing N N 352 
TYR CZ  OH   sing N N 353 
TYR OH  HH   sing N N 354 
TYR OXT HXT  sing N N 355 
VAL N   CA   sing N N 356 
VAL N   H    sing N N 357 
VAL N   H2   sing N N 358 
VAL CA  C    sing N N 359 
VAL CA  CB   sing N N 360 
VAL CA  HA   sing N N 361 
VAL C   O    doub N N 362 
VAL C   OXT  sing N N 363 
VAL CB  CG1  sing N N 364 
VAL CB  CG2  sing N N 365 
VAL CB  HB   sing N N 366 
VAL CG1 HG11 sing N N 367 
VAL CG1 HG12 sing N N 368 
VAL CG1 HG13 sing N N 369 
VAL CG2 HG21 sing N N 370 
VAL CG2 HG22 sing N N 371 
VAL CG2 HG23 sing N N 372 
VAL OXT HXT  sing N N 373 
# 
_pdbx_coordinate_model.asym_id   A 
_pdbx_coordinate_model.type      'CA ATOMS ONLY' 
# 
_pdbx_soln_scatter.id                                            1 
_pdbx_soln_scatter.type                                          x-ray 
_pdbx_soln_scatter.source_type                                   'ESRF GRENOBLE' 
_pdbx_soln_scatter.source_class                                  Y 
_pdbx_soln_scatter.source_beamline                               IDO2 
_pdbx_soln_scatter.source_beamline_instrument                    ? 
_pdbx_soln_scatter.detector_type                                 'FRELON CCD CAMERA' 
_pdbx_soln_scatter.detector_specific                             ? 
_pdbx_soln_scatter.temperature                                   288 
_pdbx_soln_scatter.sample_pH                                     7.3 
_pdbx_soln_scatter.num_time_frames                               10 
_pdbx_soln_scatter.concentration_range                           0.38-0.55 
_pdbx_soln_scatter.buffer_name                                   
'9.6 MM NA, K PHOSPHATE 137 MM NACL 3 MM KCL 8 MM NA2HPO4 1 MM KH2PO4' 
_pdbx_soln_scatter.data_reduction_software_list                  MULTICCD 
_pdbx_soln_scatter.data_analysis_software_list                   'SCTPL7, GNOM' 
_pdbx_soln_scatter.mean_guiner_radius                            3.12 
_pdbx_soln_scatter.mean_guiner_radius_esd                        0.16 
_pdbx_soln_scatter.min_mean_cross_sectional_radii_gyration       1.04 
_pdbx_soln_scatter.min_mean_cross_sectional_radii_gyration_esd   0.06 
_pdbx_soln_scatter.max_mean_cross_sectional_radii_gyration       ? 
_pdbx_soln_scatter.max_mean_cross_sectional_radii_gyration_esd   ? 
_pdbx_soln_scatter.protein_length                                0.5 
_pdbx_soln_scatter.entry_id                                      2IC4 
# 
_pdbx_soln_scatter_model.scatter_id                     1 
_pdbx_soln_scatter_model.id                             1 
_pdbx_soln_scatter_model.method                         ? 
_pdbx_soln_scatter_model.software_list                  'INSIGHT II, SCTPL7, GNOM' 
_pdbx_soln_scatter_model.software_author_list           ? 
_pdbx_soln_scatter_model.entry_fitting_list             ? 
_pdbx_soln_scatter_model.details                        
;THE INFORMATION FOR THE HIS402 ALLOTYPE IS LISTED FIRST IN REMARK 265. 
THE INFORMATION FOR THE TYR402 ALLOTYPE IS LISTED SECOND. 
THE COORDINATES CONTAIN ONLY CA ATOMS. THE SECOND SET OF RADII: MEAN RADIUS OF 
GYRATION IS 3.26 NM WITH SIGMA MEAN 0.20. R MEAN CROSS SECTIONAL RADII IS 
1.15 NM WITH SIGMA MEAN 0.13.
;
_pdbx_soln_scatter_model.num_conformers_calculated      ? 
_pdbx_soln_scatter_model.num_conformers_submitted       1 
_pdbx_soln_scatter_model.conformer_selection_criteria   ? 
_pdbx_soln_scatter_model.representative_conformer       ? 
# 
_atom_sites.entry_id                    2IC4 
_atom_sites.fract_transf_matrix[1][1]   1.000000 
_atom_sites.fract_transf_matrix[1][2]   0.000000 
_atom_sites.fract_transf_matrix[1][3]   0.000000 
_atom_sites.fract_transf_matrix[2][1]   0.000000 
_atom_sites.fract_transf_matrix[2][2]   1.000000 
_atom_sites.fract_transf_matrix[2][3]   0.000000 
_atom_sites.fract_transf_matrix[3][1]   0.000000 
_atom_sites.fract_transf_matrix[3][2]   0.000000 
_atom_sites.fract_transf_matrix[3][3]   1.000000 
_atom_sites.fract_transf_vector[1]      0.00000 
_atom_sites.fract_transf_vector[2]      0.00000 
_atom_sites.fract_transf_vector[3]      0.00000 
# 
_atom_type.symbol   C 
# 
loop_
_atom_site.group_PDB 
_atom_site.id 
_atom_site.type_symbol 
_atom_site.label_atom_id 
_atom_site.label_alt_id 
_atom_site.label_comp_id 
_atom_site.label_asym_id 
_atom_site.label_entity_id 
_atom_site.label_seq_id 
_atom_site.pdbx_PDB_ins_code 
_atom_site.Cartn_x 
_atom_site.Cartn_y 
_atom_site.Cartn_z 
_atom_site.occupancy 
_atom_site.B_iso_or_equiv 
_atom_site.pdbx_formal_charge 
_atom_site.auth_seq_id 
_atom_site.auth_comp_id 
_atom_site.auth_asym_id 
_atom_site.auth_atom_id 
_atom_site.pdbx_PDB_model_num 
ATOM 1   C CA . GLY A 1 1   ? -8.244  -32.744 31.261  1.00 0.00  ? 320 GLY A CA 1 
ATOM 2   C CA . THR A 1 2   ? -7.443  -35.621 28.730  1.00 0.00  ? 321 THR A CA 1 
ATOM 3   C CA . LEU A 1 3   ? -9.676  -34.387 25.841  1.00 0.00  ? 322 LEU A CA 1 
ATOM 4   C CA . LYS A 1 4   ? -10.040 -30.744 25.453  1.00 0.00  ? 323 LYS A CA 1 
ATOM 5   C CA . PRO A 1 5   ? -8.952  -29.180 21.934  1.00 0.00  ? 324 PRO A CA 1 
ATOM 6   C CA . CYS A 1 6   ? -9.616  -25.108 21.648  1.00 60.31 ? 325 CYS A CA 1 
ATOM 7   C CA . ASP A 1 7   ? -12.416 -22.672 22.140  1.00 9.98  ? 326 ASP A CA 1 
ATOM 8   C CA . TYR A 1 8   ? -16.099 -22.745 21.301  1.00 57.02 ? 327 TYR A CA 1 
ATOM 9   C CA . PRO A 1 9   ? -17.052 -22.553 17.694  1.00 47.67 ? 328 PRO A CA 1 
ATOM 10  C CA . ASP A 1 10  ? -17.166 -19.128 16.097  1.00 22.00 ? 329 ASP A CA 1 
ATOM 11  C CA . ILE A 1 11  ? -19.962 -18.194 13.777  1.00 20.68 ? 330 ILE A CA 1 
ATOM 12  C CA . LYS A 1 12  ? -19.661 -16.091 10.682  1.00 70.66 ? 331 LYS A CA 1 
ATOM 13  C CA . HIS A 1 13  ? -22.588 -14.669 8.799   1.00 51.38 ? 332 HIS A CA 1 
ATOM 14  C CA . GLY A 1 14  ? -23.330 -16.415 5.565   1.00 33.33 ? 333 GLY A CA 1 
ATOM 15  C CA . GLY A 1 15  ? -19.897 -17.867 5.494   1.00 42.53 ? 334 GLY A CA 1 
ATOM 16  C CA . LEU A 1 16  ? -17.979 -21.076 5.112   1.00 16.71 ? 335 LEU A CA 1 
ATOM 17  C CA . TYR A 1 17  ? -19.213 -23.685 7.538   1.00 63.33 ? 336 TYR A CA 1 
ATOM 18  C CA . HIS A 1 18  ? -17.186 -26.613 8.683   1.00 24.15 ? 337 HIS A CA 1 
ATOM 19  C CA . GLU A 1 19  ? -18.842 -29.469 6.879   1.00 89.57 ? 338 GLU A CA 1 
ATOM 20  C CA . ASN A 1 20  ? -18.116 -32.951 5.703   1.00 99.60 ? 339 ASN A CA 1 
ATOM 21  C CA . MET A 1 21  ? -16.476 -33.521 9.040   1.00 84.49 ? 340 MET A CA 1 
ATOM 22  C CA . ARG A 1 22  ? -17.694 -35.095 12.199  1.00 53.13 ? 341 ARG A CA 1 
ATOM 23  C CA . ARG A 1 23  ? -16.816 -34.388 15.762  1.00 32.04 ? 342 ARG A CA 1 
ATOM 24  C CA . PRO A 1 24  ? -18.407 -33.560 18.978  1.00 6.67  ? 343 PRO A CA 1 
ATOM 25  C CA . TYR A 1 25  ? -17.414 -30.450 20.762  1.00 51.27 ? 344 TYR A CA 1 
ATOM 26  C CA . PHE A 1 26  ? -13.915 -31.629 21.319  1.00 72.61 ? 345 PHE A CA 1 
ATOM 27  C CA . PRO A 1 27  ? -11.431 -29.235 19.934  1.00 24.97 ? 346 PRO A CA 1 
ATOM 28  C CA . VAL A 1 28  ? -8.310  -30.410 21.641  1.00 83.64 ? 347 VAL A CA 1 
ATOM 29  C CA . ALA A 1 29  ? -4.633  -30.696 20.778  1.00 93.68 ? 348 ALA A CA 1 
ATOM 30  C CA . VAL A 1 30  ? -3.085  -31.526 17.380  1.00 6.46  ? 349 VAL A CA 1 
ATOM 31  C CA . GLY A 1 31  ? -6.448  -33.070 16.662  1.00 51.89 ? 350 GLY A CA 1 
ATOM 32  C CA . LYS A 1 32  ? -8.319  -30.958 14.382  1.00 87.01 ? 351 LYS A CA 1 
ATOM 33  C CA . TYR A 1 33  ? -8.086  -29.360 11.058  1.00 34.91 ? 352 TYR A CA 1 
ATOM 34  C CA . TYR A 1 34  ? -11.561 -28.180 10.374  1.00 45.08 ? 353 TYR A CA 1 
ATOM 35  C CA . SER A 1 35  ? -12.108 -27.438 6.754   1.00 91.52 ? 354 SER A CA 1 
ATOM 36  C CA . TYR A 1 36  ? -14.565 -24.767 5.869   1.00 82.78 ? 355 TYR A CA 1 
ATOM 37  C CA . TYR A 1 37  ? -16.888 -25.048 2.955   1.00 0.50  ? 356 TYR A CA 1 
ATOM 38  C CA . CYS A 1 38  ? -18.374 -21.825 1.668   1.00 51.30 ? 357 CYS A CA 1 
ATOM 39  C CA . ASP A 1 39  ? -21.934 -21.785 0.382   1.00 74.18 ? 358 ASP A CA 1 
ATOM 40  C CA . GLU A 1 40  ? -23.402 -20.332 -2.739  1.00 26.59 ? 359 GLU A CA 1 
ATOM 41  C CA . HIS A 1 41  ? -20.875 -19.091 -5.190  1.00 30.10 ? 360 HIS A CA 1 
ATOM 42  C CA . PHE A 1 42  ? -18.474 -17.885 -2.549  1.00 34.29 ? 361 PHE A CA 1 
ATOM 43  C CA . GLU A 1 43  ? -14.782 -18.268 -2.112  1.00 53.01 ? 362 GLU A CA 1 
ATOM 44  C CA . THR A 1 44  ? -12.427 -17.374 0.692   1.00 16.07 ? 363 THR A CA 1 
ATOM 45  C CA . PRO A 1 45  ? -11.707 -13.727 0.848   1.00 9.60  ? 364 PRO A CA 1 
ATOM 46  C CA . SER A 1 46  ? -8.456  -12.478 -0.664  1.00 58.22 ? 365 SER A CA 1 
ATOM 47  C CA . GLY A 1 47  ? -7.100  -15.962 -0.294  1.00 40.09 ? 366 GLY A CA 1 
ATOM 48  C CA . SER A 1 48  ? -5.732  -14.582 2.936   1.00 58.36 ? 367 SER A CA 1 
ATOM 49  C CA . TYR A 1 49  ? -5.782  -16.738 6.021   1.00 94.61 ? 368 TYR A CA 1 
ATOM 50  C CA . TRP A 1 50  ? -5.235  -19.570 3.578   1.00 79.93 ? 369 TRP A CA 1 
ATOM 51  C CA . ASP A 1 51  ? -5.069  -22.611 5.808   1.00 36.04 ? 370 ASP A CA 1 
ATOM 52  C CA . HIS A 1 52  ? -8.070  -24.334 7.342   1.00 27.69 ? 371 HIS A CA 1 
ATOM 53  C CA . ILE A 1 53  ? -8.695  -24.012 11.049  1.00 52.48 ? 372 ILE A CA 1 
ATOM 54  C CA . HIS A 1 54  ? -6.430  -25.885 13.359  1.00 36.32 ? 373 HIS A CA 1 
ATOM 55  C CA . CYS A 1 55  ? -6.264  -25.520 17.097  1.00 3.87  ? 374 CYS A CA 1 
ATOM 56  C CA . THR A 1 56  ? -2.771  -24.321 17.821  1.00 2.36  ? 375 THR A CA 1 
ATOM 57  C CA . GLN A 1 57  ? -2.941  -21.774 20.556  1.00 38.41 ? 376 GLN A CA 1 
ATOM 58  C CA . ASP A 1 58  ? -4.913  -19.422 22.763  1.00 50.27 ? 377 ASP A CA 1 
ATOM 59  C CA . GLY A 1 59  ? -7.190  -18.391 19.963  1.00 34.73 ? 378 GLY A CA 1 
ATOM 60  C CA . TRP A 1 60  ? -7.584  -19.946 16.568  1.00 0.92  ? 379 TRP A CA 1 
ATOM 61  C CA . SER A 1 61  ? -4.513  -20.133 14.479  1.00 54.37 ? 380 SER A CA 1 
ATOM 62  C CA . PRO A 1 62  ? -6.029  -19.863 11.034  1.00 55.41 ? 381 PRO A CA 1 
ATOM 63  C CA . ALA A 1 63  ? -8.653  -17.156 11.511  1.00 80.44 ? 382 ALA A CA 1 
ATOM 64  C CA . VAL A 1 64  ? -10.615 -17.781 8.349   1.00 19.78 ? 383 VAL A CA 1 
ATOM 65  C CA . PRO A 1 65  ? -13.241 -15.510 7.061   1.00 74.20 ? 384 PRO A CA 1 
ATOM 66  C CA . CYS A 1 66  ? -15.597 -16.327 4.213   1.00 51.54 ? 385 CYS A CA 1 
ATOM 67  C CA . LEU A 1 67  ? -17.106 -12.518 4.763   1.00 0.00  ? 386 LEU A CA 1 
ATOM 68  C CA . ARG A 1 68  ? -17.688 -9.823  2.129   1.00 0.00  ? 387 ARG A CA 1 
ATOM 69  C CA . LYS A 1 69  ? -16.528 -6.183  3.336   1.00 0.00  ? 388 LYS A CA 1 
ATOM 70  C CA . CYS A 1 70  ? -15.868 -2.585  2.187   1.00 46.10 ? 389 CYS A CA 1 
ATOM 71  C CA . TYR A 1 71  ? -12.788 -0.785  3.423   1.00 25.76 ? 390 TYR A CA 1 
ATOM 72  C CA . PHE A 1 72  ? -13.130 2.911   3.837   1.00 7.05  ? 391 PHE A CA 1 
ATOM 73  C CA . PRO A 1 73  ? -11.084 4.477   1.126   1.00 89.03 ? 392 PRO A CA 1 
ATOM 74  C CA . TYR A 1 74  ? -8.970  7.368   2.136   1.00 19.33 ? 393 TYR A CA 1 
ATOM 75  C CA . LEU A 1 75  ? -8.580  9.967   -0.513  1.00 0.00  ? 394 LEU A CA 1 
ATOM 76  C CA . GLU A 1 76  ? -6.313  12.755  0.433   1.00 3.78  ? 395 GLU A CA 1 
ATOM 77  C CA . ASN A 1 77  ? -8.055  15.593  -1.393  1.00 66.28 ? 396 ASN A CA 1 
ATOM 78  C CA . GLY A 1 78  ? -9.855  13.531  -3.990  1.00 52.79 ? 397 GLY A CA 1 
ATOM 79  C CA . TYR A 1 79  ? -13.612 13.480  -4.402  1.00 56.85 ? 398 TYR A CA 1 
ATOM 80  C CA . ASN A 1 80  ? -15.736 10.401  -4.840  1.00 46.76 ? 399 ASN A CA 1 
ATOM 81  C CA . GLN A 1 81  ? -19.243 9.823   -6.060  1.00 27.88 ? 400 GLN A CA 1 
ATOM 82  C CA . ASN A 1 82  ? -21.885 7.882   -4.272  1.00 11.64 ? 401 ASN A CA 1 
ATOM 83  C CA . TYR A 1 83  ? -20.872 9.156   -0.879  1.00 91.08 ? 402 TYR A CA 1 
ATOM 84  C CA . GLY A 1 84  ? -22.139 7.089   2.004   1.00 26.82 ? 403 GLY A CA 1 
ATOM 85  C CA . ARG A 1 85  ? -21.393 6.381   5.633   1.00 97.96 ? 404 ARG A CA 1 
ATOM 86  C CA . LYS A 1 86  ? -21.172 2.654   5.454   1.00 65.96 ? 405 LYS A CA 1 
ATOM 87  C CA . PHE A 1 87  ? -20.176 0.574   2.528   1.00 50.92 ? 406 PHE A CA 1 
ATOM 88  C CA . VAL A 1 88  ? -21.258 -2.866  1.460   1.00 1.41  ? 407 VAL A CA 1 
ATOM 89  C CA . GLN A 1 89  ? -19.684 -5.337  -0.886  1.00 52.82 ? 408 GLN A CA 1 
ATOM 90  C CA . GLY A 1 90  ? -19.663 -4.542  -4.575  1.00 46.20 ? 409 GLY A CA 1 
ATOM 91  C CA . LYS A 1 91  ? -19.885 -0.796  -4.708  1.00 38.66 ? 410 LYS A CA 1 
ATOM 92  C CA . SER A 1 92  ? -17.845 1.008   -7.314  1.00 76.47 ? 411 SER A CA 1 
ATOM 93  C CA . ILE A 1 93  ? -17.395 4.734   -7.024  1.00 4.56  ? 412 ILE A CA 1 
ATOM 94  C CA . ASP A 1 94  ? -15.914 7.321   -9.299  1.00 35.04 ? 413 ASP A CA 1 
ATOM 95  C CA . VAL A 1 95  ? -13.169 9.371   -7.744  1.00 48.26 ? 414 VAL A CA 1 
ATOM 96  C CA . ALA A 1 96  ? -11.748 12.434  -9.371  1.00 42.76 ? 415 ALA A CA 1 
ATOM 97  C CA . CYS A 1 97  ? -9.197  14.908  -8.230  1.00 87.10 ? 416 CYS A CA 1 
ATOM 98  C CA . HIS A 1 98  ? -10.481 18.019  -9.790  1.00 18.35 ? 417 HIS A CA 1 
ATOM 99  C CA . PRO A 1 99  ? -9.121  20.329  -7.197  1.00 61.82 ? 418 PRO A CA 1 
ATOM 100 C CA . GLY A 1 100 ? -5.917  18.855  -5.845  1.00 33.90 ? 419 GLY A CA 1 
ATOM 101 C CA . TYR A 1 101 ? -3.952  16.866  -8.369  1.00 95.44 ? 420 TYR A CA 1 
ATOM 102 C CA . ALA A 1 102 ? -4.361  14.704  -11.399 1.00 39.78 ? 421 ALA A CA 1 
ATOM 103 C CA . LEU A 1 103 ? -5.731  11.255  -10.750 1.00 94.86 ? 422 LEU A CA 1 
ATOM 104 C CA . PRO A 1 104 ? -3.134  8.600   -10.447 1.00 54.68 ? 423 PRO A CA 1 
ATOM 105 C CA . LYS A 1 105 ? -4.844  5.824   -12.335 1.00 55.59 ? 424 LYS A CA 1 
ATOM 106 C CA . ALA A 1 106 ? -5.776  5.572   -15.955 1.00 26.61 ? 425 ALA A CA 1 
ATOM 107 C CA . GLN A 1 107 ? -9.369  5.191   -14.891 1.00 65.76 ? 426 GLN A CA 1 
ATOM 108 C CA . THR A 1 108 ? -11.308 7.246   -12.408 1.00 83.21 ? 427 THR A CA 1 
ATOM 109 C CA . THR A 1 109 ? -12.890 4.598   -10.236 1.00 41.95 ? 428 THR A CA 1 
ATOM 110 C CA . VAL A 1 110 ? -12.499 2.105   -7.458  1.00 80.19 ? 429 VAL A CA 1 
ATOM 111 C CA . THR A 1 111 ? -14.783 -0.720  -6.444  1.00 7.88  ? 430 THR A CA 1 
ATOM 112 C CA . CYS A 1 112 ? -15.818 -1.835  -3.025  1.00 0.98  ? 431 CYS A CA 1 
ATOM 113 C CA . MET A 1 113 ? -14.917 -5.376  -2.235  1.00 18.89 ? 432 MET A CA 1 
ATOM 114 C CA . GLU A 1 114 ? -14.739 -7.232  1.042   1.00 5.57  ? 433 GLU A CA 1 
ATOM 115 C CA . ASN A 1 115 ? -11.609 -5.439  2.093   1.00 59.15 ? 434 ASN A CA 1 
ATOM 116 C CA . GLY A 1 116 ? -10.409 -2.387  0.249   1.00 39.47 ? 435 GLY A CA 1 
ATOM 117 C CA . TRP A 1 117 ? -11.241 -0.825  -3.075  1.00 6.80  ? 436 TRP A CA 1 
ATOM 118 C CA . SER A 1 118 ? -9.836  -1.291  -6.551  1.00 0.84  ? 437 SER A CA 1 
ATOM 119 C CA . PRO A 1 119 ? -8.498  -0.188  -8.829  1.00 84.68 ? 438 PRO A CA 1 
ATOM 120 C CA . THR A 1 120 ? -7.658  2.826   -6.720  1.00 91.50 ? 439 THR A CA 1 
ATOM 121 C CA . PRO A 1 121 ? -8.805  6.190   -5.650  1.00 23.79 ? 440 PRO A CA 1 
ATOM 122 C CA . ARG A 1 122 ? -5.587  8.122   -5.822  1.00 42.84 ? 441 ARG A CA 1 
ATOM 123 C CA . CYS A 1 123 ? -4.971  11.785  -6.082  1.00 79.69 ? 442 CYS A CA 1 
ATOM 124 C CA . ILE A 1 124 ? -2.069  14.195  -7.233  1.00 0.00  ? 443 ILE A CA 1 
ATOM 125 C CA . ARG A 1 125 ? 0.649   16.491  -5.634  1.00 0.00  ? 444 ARG A CA 1 
ATOM 126 C CA . VAL A 1 126 ? 3.084   18.056  -8.243  1.00 0.00  ? 445 VAL A CA 1 
ATOM 127 C CA . LYS A 1 127 ? 6.906   18.720  -7.197  1.00 0.00  ? 446 LYS A CA 1 
ATOM 128 C CA . THR A 1 128 ? 9.209   19.924  -10.274 1.00 0.00  ? 447 THR A CA 1 
ATOM 129 C CA . CYS A 1 129 ? 13.122  20.821  -9.970  1.00 44.29 ? 448 CYS A CA 1 
ATOM 130 C CA . SER A 1 130 ? 14.294  24.267  -10.893 1.00 87.61 ? 449 SER A CA 1 
ATOM 131 C CA . LYS A 1 131 ? 17.726  25.613  -11.796 1.00 84.57 ? 450 LYS A CA 1 
ATOM 132 C CA . SER A 1 132 ? 20.315  23.800  -9.772  1.00 42.68 ? 451 SER A CA 1 
ATOM 133 C CA . SER A 1 133 ? 21.971  25.867  -7.113  1.00 83.13 ? 452 SER A CA 1 
ATOM 134 C CA . ILE A 1 134 ? 25.425  27.280  -7.508  1.00 49.11 ? 453 ILE A CA 1 
ATOM 135 C CA . ASP A 1 135 ? 28.284  26.846  -5.106  1.00 75.99 ? 454 ASP A CA 1 
ATOM 136 C CA . ILE A 1 136 ? 30.601  29.789  -5.088  1.00 51.86 ? 455 ILE A CA 1 
ATOM 137 C CA . GLU A 1 137 ? 33.489  29.456  -7.436  1.00 44.46 ? 456 GLU A CA 1 
ATOM 138 C CA . ASN A 1 138 ? 32.007  26.137  -8.487  1.00 28.98 ? 457 ASN A CA 1 
ATOM 139 C CA . GLY A 1 139 ? 29.493  25.265  -11.126 1.00 32.38 ? 458 GLY A CA 1 
ATOM 140 C CA . PHE A 1 140 ? 27.059  22.600  -12.259 1.00 11.41 ? 459 PHE A CA 1 
ATOM 141 C CA . ILE A 1 141 ? 28.399  20.656  -15.167 1.00 96.12 ? 460 ILE A CA 1 
ATOM 142 C CA . SER A 1 142 ? 25.502  19.600  -17.347 1.00 22.37 ? 461 SER A CA 1 
ATOM 143 C CA . GLU A 1 143 ? 23.177  21.342  -19.780 1.00 94.23 ? 462 GLU A CA 1 
ATOM 144 C CA . SER A 1 144 ? 19.425  21.509  -19.727 1.00 54.37 ? 463 SER A CA 1 
ATOM 145 C CA . GLN A 1 145 ? 15.966  23.029  -19.667 1.00 31.32 ? 464 GLN A CA 1 
ATOM 146 C CA . TYR A 1 146 ? 14.538  24.995  -16.780 1.00 55.22 ? 465 TYR A CA 1 
ATOM 147 C CA . THR A 1 147 ? 12.496  22.244  -15.269 1.00 24.88 ? 466 THR A CA 1 
ATOM 148 C CA . TYR A 1 148 ? 14.214  19.142  -14.006 1.00 77.46 ? 467 TYR A CA 1 
ATOM 149 C CA . ALA A 1 149 ? 12.732  15.753  -13.178 1.00 42.49 ? 468 ALA A CA 1 
ATOM 150 C CA . LEU A 1 150 ? 12.651  14.330  -9.710  1.00 59.35 ? 469 LEU A CA 1 
ATOM 151 C CA . LYS A 1 151 ? 15.397  12.036  -8.538  1.00 62.87 ? 470 LYS A CA 1 
ATOM 152 C CA . GLU A 1 152 ? 17.584  13.581  -11.199 1.00 91.31 ? 471 GLU A CA 1 
ATOM 153 C CA . LYS A 1 153 ? 21.158  13.431  -10.071 1.00 82.79 ? 472 LYS A CA 1 
ATOM 154 C CA . ALA A 1 154 ? 23.696  15.787  -11.512 1.00 55.33 ? 473 ALA A CA 1 
ATOM 155 C CA . LYS A 1 155 ? 27.437  16.262  -10.968 1.00 73.26 ? 474 LYS A CA 1 
ATOM 156 C CA . TYR A 1 156 ? 29.307  19.481  -10.155 1.00 15.40 ? 475 TYR A CA 1 
ATOM 157 C CA . GLN A 1 157 ? 32.782  20.888  -10.739 1.00 15.00 ? 476 GLN A CA 1 
ATOM 158 C CA . CYS A 1 158 ? 34.955  23.855  -9.738  1.00 68.09 ? 477 CYS A CA 1 
ATOM 159 C CA . LYS A 1 159 ? 37.420  26.143  -11.459 1.00 47.34 ? 478 LYS A CA 1 
ATOM 160 C CA . LEU A 1 160 ? 40.500  24.282  -12.524 1.00 67.83 ? 479 LEU A CA 1 
ATOM 161 C CA . GLY A 1 161 ? 42.722  24.086  -9.513  1.00 41.18 ? 480 GLY A CA 1 
ATOM 162 C CA . TYR A 1 162 ? 40.307  25.093  -6.813  1.00 56.00 ? 481 TYR A CA 1 
ATOM 163 C CA . VAL A 1 163 ? 39.357  21.497  -6.492  1.00 67.56 ? 482 VAL A CA 1 
ATOM 164 C CA . THR A 1 164 ? 42.158  19.041  -6.483  1.00 84.00 ? 483 THR A CA 1 
ATOM 165 C CA . ALA A 1 165 ? 41.059  15.467  -6.242  1.00 46.07 ? 484 ALA A CA 1 
ATOM 166 C CA . ASP A 1 166 ? 37.375  15.383  -5.631  1.00 43.64 ? 485 ASP A CA 1 
ATOM 167 C CA . GLY A 1 167 ? 36.367  18.847  -4.582  1.00 0.28  ? 486 GLY A CA 1 
ATOM 168 C CA . GLU A 1 168 ? 34.216  17.229  -2.006  1.00 25.21 ? 487 GLU A CA 1 
ATOM 169 C CA . THR A 1 169 ? 33.269  13.647  -1.411  1.00 62.52 ? 488 THR A CA 1 
ATOM 170 C CA . SER A 1 170 ? 31.072  12.377  -4.232  1.00 0.77  ? 489 SER A CA 1 
ATOM 171 C CA . GLY A 1 171 ? 30.547  15.749  -5.821  1.00 68.64 ? 490 GLY A CA 1 
ATOM 172 C CA . SER A 1 172 ? 27.032  15.322  -7.020  1.00 84.73 ? 491 SER A CA 1 
ATOM 173 C CA . ILE A 1 173 ? 23.703  16.894  -6.288  1.00 50.87 ? 492 ILE A CA 1 
ATOM 174 C CA . THR A 1 174 ? 20.335  15.197  -6.146  1.00 48.45 ? 493 THR A CA 1 
ATOM 175 C CA . CYS A 1 175 ? 16.856  16.553  -6.494  1.00 56.14 ? 494 CYS A CA 1 
ATOM 176 C CA . GLY A 1 176 ? 14.089  15.637  -4.102  1.00 66.90 ? 495 GLY A CA 1 
ATOM 177 C CA . LYS A 1 177 ? 10.597  17.059  -4.446  1.00 68.83 ? 496 LYS A CA 1 
ATOM 178 C CA . ASP A 1 178 ? 11.430  20.172  -6.417  1.00 8.10  ? 497 ASP A CA 1 
ATOM 179 C CA . GLY A 1 179 ? 14.428  20.701  -4.179  1.00 37.91 ? 498 GLY A CA 1 
ATOM 180 C CA . TRP A 1 180 ? 18.155  20.114  -4.484  1.00 83.28 ? 499 TRP A CA 1 
ATOM 181 C CA . SER A 1 181 ? 20.285  18.742  -1.707  1.00 53.16 ? 500 SER A CA 1 
ATOM 182 C CA . ALA A 1 182 ? 23.230  20.584  -0.248  1.00 45.37 ? 501 ALA A CA 1 
ATOM 183 C CA . GLN A 1 183 ? 25.894  20.696  -2.916  1.00 54.27 ? 502 GLN A CA 1 
ATOM 184 C CA . PRO A 1 184 ? 29.441  19.881  -2.167  1.00 88.23 ? 503 PRO A CA 1 
ATOM 185 C CA . THR A 1 185 ? 31.521  22.955  -2.038  1.00 28.94 ? 504 THR A CA 1 
ATOM 186 C CA . CYS A 1 186 ? 35.010  23.977  -2.942  1.00 52.03 ? 505 CYS A CA 1 
ATOM 187 C CA . ILE A 1 187 ? 37.346  26.292  -1.064  1.00 0.00  ? 506 ILE A CA 1 
# 
